data_3T0O
#
_entry.id   3T0O
#
_cell.length_a   31.200
_cell.length_b   67.400
_cell.length_c   47.900
_cell.angle_alpha   90.00
_cell.angle_beta   90.81
_cell.angle_gamma   90.00
#
_symmetry.space_group_name_H-M   'P 1 21 1'
#
loop_
_entity.id
_entity.type
_entity.pdbx_description
1 polymer 'Ribonuclease T2'
2 non-polymer 2-acetamido-2-deoxy-beta-D-glucopyranose
3 water water
#
_entity_poly.entity_id   1
_entity_poly.type   'polypeptide(L)'
_entity_poly.pdbx_seq_one_letter_code
;DKRLRDNHEWKKLIMVQHWPETVCEKIQNDCRDPPDYWTIHGLWPDKSEGCNRSWPFNLEEIKDLLPEMRAYWPDVIHSF
PNRSRFWKHEWEKHGTCAAQVDALNSQKKYFGRSLELYRELDLNSVLLKLGIKPSINYYQVADFKDALARVYGVIPKIQC
LPPSQDEEVQTIGQIELCLTKQDQQLQNCTEPGEQPSPKQEVWLANGAAESRGLRVCEDGPVFYPPPKKTKHHHHHHH
;
_entity_poly.pdbx_strand_id   A
#
# COMPACT_ATOMS: atom_id res chain seq x y z
N TRP A 10 0.80 15.30 -12.84
CA TRP A 10 0.91 13.79 -12.73
C TRP A 10 0.09 12.99 -13.78
N LYS A 11 0.49 11.75 -14.05
CA LYS A 11 -0.14 11.02 -15.14
C LYS A 11 -0.84 9.74 -14.73
N LYS A 12 -0.36 9.12 -13.69
CA LYS A 12 -1.01 7.88 -13.22
C LYS A 12 -1.01 7.82 -11.72
N LEU A 13 -1.81 6.91 -11.20
CA LEU A 13 -1.88 6.66 -9.80
C LEU A 13 -1.10 5.39 -9.47
N ILE A 14 -0.59 5.28 -8.23
CA ILE A 14 0.05 4.04 -7.80
C ILE A 14 -0.65 3.55 -6.55
N MET A 15 -1.27 2.36 -6.60
CA MET A 15 -1.87 1.80 -5.39
CA MET A 15 -1.89 1.77 -5.43
C MET A 15 -0.75 1.03 -4.71
N VAL A 16 -0.40 1.42 -3.49
CA VAL A 16 0.78 0.92 -2.80
C VAL A 16 0.28 0.14 -1.61
N GLN A 17 0.66 -1.14 -1.49
CA GLN A 17 0.24 -1.98 -0.38
C GLN A 17 1.53 -2.55 0.23
N HIS A 18 1.51 -2.76 1.53
CA HIS A 18 2.73 -3.22 2.20
C HIS A 18 2.44 -4.32 3.20
N TRP A 19 3.52 -5.03 3.56
CA TRP A 19 3.44 -6.20 4.40
C TRP A 19 3.89 -5.79 5.77
N PRO A 20 2.97 -5.73 6.72
CA PRO A 20 3.32 -5.19 8.04
C PRO A 20 4.49 -5.84 8.71
N GLU A 21 4.62 -7.13 8.66
CA GLU A 21 5.76 -7.72 9.37
C GLU A 21 7.10 -7.25 8.82
N THR A 22 7.11 -6.96 7.53
CA THR A 22 8.34 -6.36 7.00
C THR A 22 8.53 -4.91 7.34
N VAL A 23 7.51 -4.10 7.16
CA VAL A 23 7.70 -2.67 7.28
C VAL A 23 7.61 -2.11 8.69
N CYS A 24 6.95 -2.85 9.57
CA CYS A 24 6.86 -2.39 10.97
C CYS A 24 8.24 -2.07 11.50
N GLU A 25 8.29 -1.01 12.29
CA GLU A 25 9.58 -0.52 12.84
C GLU A 25 9.66 -0.60 14.31
N LYS A 26 8.52 -0.65 14.98
CA LYS A 26 8.56 -0.70 16.44
C LYS A 26 7.45 -1.60 16.88
N ILE A 27 7.63 -2.26 18.02
CA ILE A 27 6.61 -3.22 18.47
C ILE A 27 5.68 -2.38 19.35
N GLN A 28 4.78 -1.70 18.67
CA GLN A 28 3.80 -0.83 19.26
C GLN A 28 2.58 -0.66 18.38
N ASN A 29 1.44 -0.49 19.00
CA ASN A 29 0.21 -0.18 18.29
C ASN A 29 -0.09 -1.17 17.22
N ASP A 30 -0.26 -0.70 15.98
CA ASP A 30 -0.63 -1.62 14.90
C ASP A 30 0.47 -2.68 14.61
N CYS A 31 1.72 -2.39 14.99
CA CYS A 31 2.84 -3.29 14.81
C CYS A 31 3.14 -4.13 16.05
N ARG A 32 2.34 -4.04 17.10
CA ARG A 32 2.62 -4.92 18.23
C ARG A 32 2.41 -6.38 17.87
N ASP A 33 1.29 -6.66 17.19
CA ASP A 33 1.08 -7.92 16.53
C ASP A 33 0.75 -7.53 15.08
N PRO A 34 1.74 -7.51 14.20
CA PRO A 34 1.50 -6.99 12.84
C PRO A 34 0.35 -7.76 12.21
N PRO A 35 -0.58 -7.03 11.56
CA PRO A 35 -1.60 -7.79 10.78
C PRO A 35 -0.98 -8.82 9.84
N ASP A 36 -1.65 -9.97 9.72
CA ASP A 36 -1.14 -11.01 8.86
CA ASP A 36 -1.16 -11.02 8.85
C ASP A 36 -1.72 -10.91 7.45
N TYR A 37 -1.83 -9.67 6.96
CA TYR A 37 -2.30 -9.47 5.58
C TYR A 37 -1.74 -8.17 5.06
N TRP A 38 -1.60 -8.05 3.76
CA TRP A 38 -1.17 -6.83 3.13
C TRP A 38 -2.15 -5.76 3.36
N THR A 39 -1.63 -4.57 3.71
CA THR A 39 -2.53 -3.42 3.97
C THR A 39 -2.15 -2.25 3.07
N ILE A 40 -3.03 -1.20 3.09
CA ILE A 40 -2.83 -0.04 2.26
C ILE A 40 -1.75 0.86 2.79
N HIS A 41 -0.76 1.16 1.96
CA HIS A 41 0.13 2.26 2.26
C HIS A 41 -0.48 3.56 1.73
N GLY A 42 -0.82 3.60 0.43
CA GLY A 42 -1.58 4.75 -0.02
C GLY A 42 -1.86 4.64 -1.52
N LEU A 43 -2.57 5.66 -2.01
CA LEU A 43 -2.90 5.80 -3.39
C LEU A 43 -2.24 7.06 -3.88
N TRP A 44 -1.15 6.88 -4.61
CA TRP A 44 -0.27 8.03 -4.83
C TRP A 44 -0.22 8.48 -6.28
N PRO A 45 -0.49 9.75 -6.56
CA PRO A 45 -0.15 10.28 -7.90
C PRO A 45 1.34 10.05 -8.09
N ASP A 46 1.70 9.71 -9.30
CA ASP A 46 3.09 9.31 -9.54
C ASP A 46 4.08 10.46 -9.43
N LYS A 47 3.75 11.64 -9.94
CA LYS A 47 4.78 12.64 -10.15
C LYS A 47 4.59 13.95 -9.41
N SER A 48 3.57 14.03 -8.56
CA SER A 48 3.27 15.23 -7.85
C SER A 48 2.97 14.85 -6.42
N GLU A 49 3.43 15.68 -5.49
CA GLU A 49 3.11 15.56 -4.05
C GLU A 49 2.92 16.91 -3.43
N GLY A 50 2.14 16.96 -2.36
CA GLY A 50 2.07 18.16 -1.56
C GLY A 50 1.41 19.33 -2.30
N CYS A 51 0.28 19.03 -2.93
CA CYS A 51 -0.32 19.95 -3.92
C CYS A 51 -1.15 21.07 -3.31
N ASN A 52 -1.46 20.99 -2.03
CA ASN A 52 -2.33 22.06 -1.51
C ASN A 52 -2.16 22.18 -0.01
N ARG A 53 -1.24 23.06 0.38
CA ARG A 53 -0.95 23.20 1.81
C ARG A 53 -2.13 23.82 2.58
N SER A 54 -3.04 24.49 1.86
CA SER A 54 -4.26 25.07 2.42
C SER A 54 -5.43 24.13 2.51
N TRP A 55 -5.23 22.83 2.26
CA TRP A 55 -6.36 21.89 2.35
C TRP A 55 -6.00 20.78 3.34
N PRO A 56 -6.07 21.09 4.62
CA PRO A 56 -5.62 20.13 5.61
C PRO A 56 -6.53 18.93 5.71
N PHE A 57 -5.91 17.84 6.13
CA PHE A 57 -6.66 16.64 6.52
C PHE A 57 -7.68 17.00 7.57
N ASN A 58 -8.87 16.41 7.43
CA ASN A 58 -9.96 16.64 8.37
C ASN A 58 -10.59 15.24 8.64
N LEU A 59 -10.21 14.69 9.78
CA LEU A 59 -10.67 13.36 10.14
C LEU A 59 -12.21 13.23 10.11
N GLU A 60 -12.88 14.26 10.57
CA GLU A 60 -14.34 14.29 10.57
C GLU A 60 -14.96 13.91 9.23
N GLU A 61 -14.30 14.28 8.12
CA GLU A 61 -14.83 14.03 6.77
C GLU A 61 -14.87 12.59 6.38
N ILE A 62 -14.02 11.80 7.02
CA ILE A 62 -13.93 10.35 6.68
C ILE A 62 -14.39 9.48 7.86
N LYS A 63 -15.10 10.09 8.81
CA LYS A 63 -15.58 9.38 9.99
C LYS A 63 -16.24 8.01 9.65
N ASP A 64 -17.01 7.98 8.56
CA ASP A 64 -17.74 6.80 8.18
C ASP A 64 -16.84 5.70 7.74
N LEU A 65 -15.61 6.05 7.35
CA LEU A 65 -14.72 5.07 6.80
C LEU A 65 -13.77 4.52 7.84
N LEU A 66 -13.86 5.03 9.07
CA LEU A 66 -12.80 4.72 10.06
C LEU A 66 -12.68 3.23 10.40
N PRO A 67 -13.78 2.48 10.50
CA PRO A 67 -13.52 1.10 10.77
C PRO A 67 -12.74 0.41 9.68
N GLU A 68 -13.04 0.66 8.42
CA GLU A 68 -12.28 0.10 7.33
C GLU A 68 -10.87 0.64 7.29
N MET A 69 -10.71 1.93 7.54
CA MET A 69 -9.34 2.50 7.58
CA MET A 69 -9.43 2.61 7.69
C MET A 69 -8.51 1.87 8.69
N ARG A 70 -9.08 1.62 9.90
CA ARG A 70 -8.30 0.94 10.90
C ARG A 70 -7.90 -0.46 10.49
N ALA A 71 -8.83 -1.18 9.82
CA ALA A 71 -8.53 -2.58 9.47
C ALA A 71 -7.58 -2.70 8.29
N TYR A 72 -7.75 -1.80 7.33
CA TYR A 72 -7.05 -2.02 6.05
C TYR A 72 -6.01 -0.97 5.85
N TRP A 73 -6.03 0.12 6.60
CA TRP A 73 -5.06 1.19 6.38
C TRP A 73 -4.39 1.53 7.71
N PRO A 74 -3.91 0.54 8.43
CA PRO A 74 -3.31 0.85 9.74
C PRO A 74 -1.92 1.45 9.61
N ASP A 75 -1.48 2.11 10.67
CA ASP A 75 -0.15 2.70 10.67
C ASP A 75 0.86 1.68 11.04
N VAL A 76 1.47 1.09 10.04
CA VAL A 76 2.49 0.05 10.28
C VAL A 76 3.86 0.47 9.86
N ILE A 77 4.07 1.79 9.81
CA ILE A 77 5.45 2.28 9.56
C ILE A 77 5.91 2.94 10.84
N HIS A 78 5.34 4.08 11.23
CA HIS A 78 5.75 4.63 12.51
C HIS A 78 4.96 4.16 13.69
N SER A 79 3.76 3.64 13.35
CA SER A 79 2.92 3.09 14.39
C SER A 79 2.69 4.10 15.48
N PHE A 80 2.35 5.35 15.11
CA PHE A 80 2.04 6.36 16.12
C PHE A 80 0.69 5.97 16.75
N PRO A 81 0.52 6.34 17.98
CA PRO A 81 -0.71 6.01 18.71
C PRO A 81 -1.89 6.73 18.08
N ASN A 82 -1.63 7.93 17.59
CA ASN A 82 -2.66 8.64 16.88
C ASN A 82 -2.59 8.19 15.42
N ARG A 83 -3.44 7.24 15.04
CA ARG A 83 -3.37 6.65 13.71
C ARG A 83 -3.66 7.69 12.62
N SER A 84 -4.34 8.75 13.01
CA SER A 84 -4.72 9.72 12.04
C SER A 84 -3.48 10.54 11.57
N ARG A 85 -2.34 10.52 12.27
CA ARG A 85 -1.12 11.20 11.78
CA ARG A 85 -1.15 11.23 11.77
C ARG A 85 -0.72 10.61 10.45
N PHE A 86 -0.83 9.30 10.31
CA PHE A 86 -0.48 8.67 9.01
C PHE A 86 -1.41 9.06 7.91
N TRP A 87 -2.71 9.04 8.22
CA TRP A 87 -3.69 9.34 7.17
C TRP A 87 -3.56 10.83 6.79
N LYS A 88 -3.24 11.69 7.77
CA LYS A 88 -3.06 13.09 7.48
C LYS A 88 -1.90 13.19 6.47
N HIS A 89 -0.80 12.48 6.78
CA HIS A 89 0.37 12.51 5.89
C HIS A 89 -0.01 12.07 4.48
N GLU A 90 -0.79 11.02 4.39
CA GLU A 90 -1.18 10.51 3.08
C GLU A 90 -2.06 11.52 2.38
N TRP A 91 -3.02 12.09 3.12
CA TRP A 91 -3.86 13.12 2.49
C TRP A 91 -3.03 14.31 1.97
N GLU A 92 -2.17 14.84 2.80
CA GLU A 92 -1.47 16.10 2.51
CA GLU A 92 -1.50 16.11 2.43
C GLU A 92 -0.45 15.89 1.37
N LYS A 93 0.21 14.73 1.43
CA LYS A 93 1.23 14.43 0.43
C LYS A 93 0.63 13.99 -0.89
N HIS A 94 -0.42 13.17 -0.85
CA HIS A 94 -0.88 12.49 -2.05
C HIS A 94 -2.29 12.84 -2.45
N GLY A 95 -3.18 12.90 -1.46
CA GLY A 95 -4.64 13.08 -1.73
C GLY A 95 -4.91 14.46 -2.33
N THR A 96 -4.21 15.51 -1.85
CA THR A 96 -4.46 16.85 -2.38
C THR A 96 -4.15 16.87 -3.87
N CYS A 97 -3.14 16.12 -4.31
CA CYS A 97 -2.83 15.99 -5.76
C CYS A 97 -3.83 15.11 -6.51
N ALA A 98 -4.21 13.99 -5.86
CA ALA A 98 -5.15 13.02 -6.47
C ALA A 98 -6.49 13.68 -6.68
N ALA A 99 -6.77 14.74 -5.89
CA ALA A 99 -8.10 15.43 -6.00
C ALA A 99 -8.35 16.20 -7.30
N GLN A 100 -7.34 16.33 -8.14
CA GLN A 100 -7.57 16.79 -9.50
C GLN A 100 -8.51 15.89 -10.28
N VAL A 101 -8.63 14.65 -9.85
CA VAL A 101 -9.54 13.69 -10.47
C VAL A 101 -10.89 13.77 -9.80
N ASP A 102 -11.95 13.83 -10.60
CA ASP A 102 -13.29 14.09 -10.01
C ASP A 102 -13.65 12.98 -9.05
N ALA A 103 -13.32 11.74 -9.39
CA ALA A 103 -13.65 10.60 -8.52
C ALA A 103 -12.93 10.65 -7.17
N LEU A 104 -11.91 11.49 -7.05
CA LEU A 104 -11.08 11.54 -5.86
C LEU A 104 -11.05 12.93 -5.27
N ASN A 105 -12.04 13.76 -5.64
CA ASN A 105 -11.95 15.20 -5.41
C ASN A 105 -12.44 15.70 -4.05
N SER A 106 -12.47 14.80 -3.07
CA SER A 106 -12.76 15.20 -1.70
C SER A 106 -12.03 14.20 -0.83
N GLN A 107 -11.84 14.54 0.44
CA GLN A 107 -11.23 13.59 1.33
C GLN A 107 -12.01 12.28 1.36
N LYS A 108 -13.32 12.38 1.50
CA LYS A 108 -14.11 11.16 1.61
C LYS A 108 -14.00 10.32 0.34
N LYS A 109 -14.00 10.98 -0.81
CA LYS A 109 -13.98 10.24 -2.08
C LYS A 109 -12.62 9.61 -2.30
N TYR A 110 -11.54 10.34 -2.00
CA TYR A 110 -10.22 9.80 -2.13
C TYR A 110 -10.00 8.58 -1.21
N PHE A 111 -10.23 8.77 0.08
CA PHE A 111 -10.01 7.64 0.95
C PHE A 111 -11.00 6.52 0.67
N GLY A 112 -12.25 6.85 0.30
CA GLY A 112 -13.21 5.80 0.07
C GLY A 112 -12.84 5.03 -1.17
N ARG A 113 -12.36 5.73 -2.20
CA ARG A 113 -11.98 5.03 -3.43
C ARG A 113 -10.78 4.17 -3.23
N SER A 114 -9.85 4.65 -2.40
CA SER A 114 -8.69 3.90 -2.06
C SER A 114 -9.05 2.60 -1.39
N LEU A 115 -9.99 2.67 -0.45
CA LEU A 115 -10.43 1.42 0.19
C LEU A 115 -11.14 0.52 -0.80
N GLU A 116 -11.94 1.09 -1.70
CA GLU A 116 -12.63 0.24 -2.68
C GLU A 116 -11.66 -0.45 -3.54
N LEU A 117 -10.64 0.26 -4.00
CA LEU A 117 -9.63 -0.35 -4.89
C LEU A 117 -8.90 -1.46 -4.16
N TYR A 118 -8.61 -1.23 -2.86
CA TYR A 118 -7.93 -2.30 -2.11
C TYR A 118 -8.82 -3.58 -2.08
N ARG A 119 -10.11 -3.42 -1.89
CA ARG A 119 -11.05 -4.56 -1.85
CA ARG A 119 -10.91 -4.64 -1.81
C ARG A 119 -11.14 -5.26 -3.19
N GLU A 120 -11.18 -4.45 -4.27
CA GLU A 120 -11.37 -4.98 -5.61
C GLU A 120 -10.09 -5.67 -6.04
N LEU A 121 -8.94 -5.10 -5.68
CA LEU A 121 -7.75 -5.77 -6.09
C LEU A 121 -7.53 -7.09 -5.32
N ASP A 122 -7.92 -7.05 -4.02
CA ASP A 122 -7.74 -8.21 -3.15
C ASP A 122 -6.44 -8.97 -3.32
N LEU A 123 -5.36 -8.22 -3.11
CA LEU A 123 -4.04 -8.80 -3.22
C LEU A 123 -3.81 -9.95 -2.28
N ASN A 124 -4.38 -9.87 -1.09
CA ASN A 124 -4.26 -10.94 -0.14
C ASN A 124 -4.85 -12.26 -0.67
N SER A 125 -6.04 -12.22 -1.23
CA SER A 125 -6.63 -13.46 -1.74
C SER A 125 -5.88 -13.93 -2.95
N VAL A 126 -5.43 -13.00 -3.77
CA VAL A 126 -4.69 -13.36 -4.98
C VAL A 126 -3.46 -14.17 -4.65
N LEU A 127 -2.68 -13.66 -3.67
CA LEU A 127 -1.45 -14.35 -3.36
C LEU A 127 -1.77 -15.73 -2.80
N LEU A 128 -2.71 -15.78 -1.85
CA LEU A 128 -2.99 -17.07 -1.22
C LEU A 128 -3.50 -18.08 -2.21
N LYS A 129 -4.33 -17.66 -3.16
CA LYS A 129 -4.84 -18.61 -4.17
C LYS A 129 -3.73 -19.12 -5.04
N LEU A 130 -2.69 -18.32 -5.20
CA LEU A 130 -1.54 -18.70 -5.97
C LEU A 130 -0.62 -19.60 -5.16
N GLY A 131 -0.90 -19.81 -3.88
CA GLY A 131 -0.01 -20.61 -3.02
C GLY A 131 1.13 -19.83 -2.46
N ILE A 132 1.05 -18.51 -2.63
CA ILE A 132 2.15 -17.68 -2.09
C ILE A 132 1.77 -17.17 -0.73
N LYS A 133 2.25 -17.84 0.29
CA LYS A 133 1.93 -17.56 1.66
C LYS A 133 3.18 -17.22 2.44
N PRO A 134 3.05 -16.42 3.51
CA PRO A 134 4.24 -16.22 4.33
C PRO A 134 4.83 -17.55 4.78
N SER A 135 6.18 -17.58 4.74
CA SER A 135 6.86 -18.82 4.94
C SER A 135 8.24 -18.62 5.41
N ILE A 136 8.75 -19.64 6.14
CA ILE A 136 10.16 -19.73 6.46
C ILE A 136 11.03 -20.00 5.24
N ASN A 137 10.41 -20.66 4.28
CA ASN A 137 11.10 -20.99 3.06
C ASN A 137 11.09 -19.77 2.17
N TYR A 138 12.25 -19.45 1.59
CA TYR A 138 12.25 -18.34 0.64
C TYR A 138 11.45 -18.60 -0.64
N TYR A 139 10.95 -17.55 -1.26
CA TYR A 139 10.37 -17.56 -2.57
C TYR A 139 11.39 -16.99 -3.50
N GLN A 140 11.08 -17.02 -4.79
CA GLN A 140 11.82 -16.15 -5.71
C GLN A 140 11.01 -14.91 -6.01
N VAL A 141 11.68 -13.78 -6.22
CA VAL A 141 10.94 -12.59 -6.59
C VAL A 141 10.08 -12.86 -7.81
N ALA A 142 10.52 -13.69 -8.76
CA ALA A 142 9.70 -13.99 -9.95
C ALA A 142 8.41 -14.68 -9.58
N ASP A 143 8.39 -15.36 -8.43
CA ASP A 143 7.11 -16.00 -8.05
C ASP A 143 6.04 -14.94 -7.87
N PHE A 144 6.39 -13.85 -7.21
CA PHE A 144 5.46 -12.79 -7.00
C PHE A 144 5.23 -12.05 -8.31
N LYS A 145 6.31 -11.66 -8.99
CA LYS A 145 6.11 -10.81 -10.14
C LYS A 145 5.32 -11.50 -11.23
N ASP A 146 5.64 -12.73 -11.51
CA ASP A 146 5.02 -13.38 -12.66
C ASP A 146 3.59 -13.73 -12.31
N ALA A 147 3.35 -14.16 -11.10
CA ALA A 147 1.98 -14.54 -10.75
C ALA A 147 1.07 -13.30 -10.63
N LEU A 148 1.55 -12.20 -10.03
CA LEU A 148 0.77 -10.98 -10.04
C LEU A 148 0.57 -10.41 -11.43
N ALA A 149 1.55 -10.52 -12.31
CA ALA A 149 1.32 -10.08 -13.66
C ALA A 149 0.27 -10.86 -14.37
N ARG A 150 0.19 -12.17 -14.12
CA ARG A 150 -0.86 -12.98 -14.78
C ARG A 150 -2.22 -12.58 -14.24
N VAL A 151 -2.33 -12.45 -12.93
CA VAL A 151 -3.67 -12.15 -12.35
C VAL A 151 -4.14 -10.76 -12.68
N TYR A 152 -3.25 -9.76 -12.50
CA TYR A 152 -3.70 -8.39 -12.76
C TYR A 152 -3.51 -7.90 -14.18
N GLY A 153 -2.78 -8.64 -14.99
CA GLY A 153 -2.62 -8.24 -16.38
C GLY A 153 -1.69 -7.06 -16.58
N VAL A 154 -0.96 -6.68 -15.53
CA VAL A 154 -0.05 -5.59 -15.56
C VAL A 154 1.11 -5.96 -14.66
N ILE A 155 2.26 -5.33 -14.88
CA ILE A 155 3.47 -5.69 -14.11
C ILE A 155 3.50 -4.83 -12.84
N PRO A 156 3.56 -5.48 -11.69
CA PRO A 156 3.60 -4.73 -10.42
C PRO A 156 5.04 -4.30 -10.20
N LYS A 157 5.23 -3.33 -9.28
CA LYS A 157 6.54 -3.08 -8.77
C LYS A 157 6.57 -3.76 -7.41
N ILE A 158 7.66 -4.42 -7.14
CA ILE A 158 7.78 -5.17 -5.91
C ILE A 158 9.03 -4.70 -5.18
N GLN A 159 8.86 -4.27 -3.92
CA GLN A 159 9.93 -3.60 -3.24
C GLN A 159 10.24 -4.37 -1.95
N CYS A 160 11.52 -4.31 -1.58
CA CYS A 160 12.08 -5.16 -0.53
C CYS A 160 12.92 -4.33 0.41
N LEU A 161 13.06 -4.85 1.63
CA LEU A 161 14.17 -4.36 2.50
C LEU A 161 15.37 -5.20 2.24
N PRO A 162 16.55 -4.60 2.12
CA PRO A 162 17.72 -5.43 1.87
C PRO A 162 18.12 -6.24 3.10
N PRO A 163 19.03 -7.21 2.92
CA PRO A 163 19.51 -7.96 4.09
C PRO A 163 20.16 -7.00 5.13
N SER A 164 19.95 -7.23 6.42
CA SER A 164 20.58 -6.36 7.42
C SER A 164 21.56 -7.20 8.23
N GLU A 168 21.84 -12.17 5.19
CA GLU A 168 20.70 -13.02 4.92
C GLU A 168 20.13 -12.63 3.53
N VAL A 169 18.82 -12.72 3.31
CA VAL A 169 18.24 -12.37 2.00
C VAL A 169 17.28 -11.20 2.19
N GLN A 170 17.02 -10.48 1.11
CA GLN A 170 16.04 -9.36 1.12
C GLN A 170 14.67 -9.87 1.59
N THR A 171 13.90 -8.93 2.10
CA THR A 171 12.60 -9.24 2.62
CA THR A 171 12.58 -9.28 2.59
C THR A 171 11.54 -8.45 1.86
N ILE A 172 10.52 -9.13 1.33
CA ILE A 172 9.47 -8.39 0.56
C ILE A 172 8.70 -7.51 1.50
N GLY A 173 8.45 -6.27 1.05
CA GLY A 173 7.78 -5.27 1.90
C GLY A 173 6.61 -4.60 1.21
N GLN A 174 6.67 -4.43 -0.12
CA GLN A 174 5.66 -3.48 -0.71
C GLN A 174 5.38 -3.89 -2.14
N ILE A 175 4.11 -3.84 -2.53
CA ILE A 175 3.72 -4.19 -3.89
C ILE A 175 2.92 -3.04 -4.42
N GLU A 176 3.33 -2.56 -5.56
CA GLU A 176 2.72 -1.34 -6.20
C GLU A 176 2.07 -1.77 -7.48
N LEU A 177 0.85 -1.27 -7.71
CA LEU A 177 0.11 -1.55 -8.97
C LEU A 177 -0.32 -0.17 -9.48
N CYS A 178 -0.01 0.10 -10.74
CA CYS A 178 -0.37 1.40 -11.30
C CYS A 178 -1.81 1.37 -11.81
N LEU A 179 -2.45 2.54 -11.74
CA LEU A 179 -3.88 2.67 -12.04
C LEU A 179 -4.11 3.92 -12.87
N THR A 180 -5.08 3.85 -13.74
CA THR A 180 -5.30 5.01 -14.63
C THR A 180 -5.82 6.20 -13.85
N LYS A 181 -5.54 7.40 -14.35
CA LYS A 181 -5.84 8.58 -13.59
C LYS A 181 -7.32 8.78 -13.39
N GLN A 182 -8.07 8.66 -14.48
CA GLN A 182 -9.49 8.97 -14.40
C GLN A 182 -10.36 7.95 -13.70
N ASP A 183 -10.21 6.65 -14.05
CA ASP A 183 -11.11 5.59 -13.57
C ASP A 183 -10.40 4.53 -12.69
N GLN A 184 -9.11 4.75 -12.45
CA GLN A 184 -8.24 3.88 -11.64
C GLN A 184 -8.33 2.47 -12.09
N GLN A 185 -8.23 2.24 -13.38
CA GLN A 185 -8.13 0.88 -13.92
CA GLN A 185 -8.13 0.89 -13.91
C GLN A 185 -6.66 0.45 -13.93
N LEU A 186 -6.42 -0.87 -13.80
CA LEU A 186 -5.02 -1.35 -13.83
C LEU A 186 -4.30 -0.97 -15.11
N GLN A 187 -3.06 -0.50 -14.94
CA GLN A 187 -2.22 -0.18 -16.10
C GLN A 187 -0.78 -0.54 -15.72
N ASN A 188 0.07 -0.65 -16.75
CA ASN A 188 1.45 -0.72 -16.41
C ASN A 188 1.98 0.60 -15.91
N CYS A 189 3.05 0.53 -15.16
CA CYS A 189 3.69 1.72 -14.60
C CYS A 189 4.63 2.39 -15.58
N THR A 190 5.02 1.66 -16.60
CA THR A 190 6.01 2.15 -17.57
C THR A 190 5.48 1.92 -18.97
N SER A 211 10.67 6.29 1.07
CA SER A 211 10.76 4.84 0.90
C SER A 211 11.19 4.05 2.16
N ARG A 212 11.82 4.74 3.12
CA ARG A 212 12.29 4.11 4.35
C ARG A 212 12.98 2.79 4.13
N GLY A 213 13.77 2.78 3.08
CA GLY A 213 14.63 1.65 2.91
C GLY A 213 14.12 0.66 1.88
N LEU A 214 12.83 0.76 1.53
CA LEU A 214 12.30 -0.14 0.48
C LEU A 214 12.92 0.21 -0.84
N ARG A 215 13.41 -0.82 -1.55
CA ARG A 215 13.95 -0.58 -2.88
C ARG A 215 13.41 -1.66 -3.75
N VAL A 216 13.60 -1.53 -5.06
CA VAL A 216 13.13 -2.62 -5.93
C VAL A 216 13.77 -3.93 -5.50
N CYS A 217 12.95 -5.00 -5.42
CA CYS A 217 13.52 -6.30 -5.09
C CYS A 217 14.42 -6.77 -6.18
N GLU A 218 15.55 -7.32 -5.78
CA GLU A 218 16.48 -7.95 -6.71
C GLU A 218 15.94 -9.30 -7.20
N ASP A 219 16.16 -9.68 -8.48
CA ASP A 219 15.78 -11.04 -8.84
C ASP A 219 16.49 -12.02 -7.90
N GLY A 220 15.82 -13.10 -7.56
CA GLY A 220 16.42 -14.10 -6.72
C GLY A 220 15.60 -14.39 -5.47
N PRO A 221 16.19 -14.98 -4.46
CA PRO A 221 15.42 -15.36 -3.28
C PRO A 221 14.93 -14.18 -2.50
N VAL A 222 13.75 -14.37 -1.95
CA VAL A 222 13.18 -13.30 -1.16
C VAL A 222 12.45 -13.95 0.03
N PHE A 223 12.56 -13.31 1.16
CA PHE A 223 11.84 -13.79 2.36
C PHE A 223 10.52 -13.05 2.44
N TYR A 224 9.46 -13.81 2.70
CA TYR A 224 8.12 -13.25 2.87
C TYR A 224 7.74 -13.71 4.30
N PRO A 225 8.00 -12.87 5.28
CA PRO A 225 8.06 -13.33 6.68
C PRO A 225 6.71 -13.51 7.30
N PRO A 226 6.51 -14.66 7.96
CA PRO A 226 5.29 -14.80 8.80
C PRO A 226 5.30 -13.78 9.94
N PRO A 227 4.15 -13.13 10.23
CA PRO A 227 4.15 -12.07 11.25
C PRO A 227 4.58 -12.62 12.58
N LYS A 228 5.11 -11.71 13.41
CA LYS A 228 5.54 -12.09 14.77
C LYS A 228 4.31 -12.03 15.70
#